data_8C0G
#
_entry.id   8C0G
#
_cell.length_a   67.232
_cell.length_b   185.042
_cell.length_c   128.577
_cell.angle_alpha   90
_cell.angle_beta   90
_cell.angle_gamma   90
#
_symmetry.space_group_name_H-M   'C 2 2 21'
#
loop_
_entity.id
_entity.type
_entity.pdbx_description
1 polymer 'Non-structural protein 7'
2 polymer 'Non-structural protein 7'
3 non-polymer DI(HYDROXYETHYL)ETHER
4 non-polymer '[[(2~{R},3~{S},5~{R})-5-(2-azanyl-7-methyl-6-oxidanylidene-1,8-dihydropurin-9-yl)-3,4-bis(oxidanyl)oxolan-2-yl]methoxy-oxidanyl-phosphoryl] phosphono hydrogen phosphate'
5 non-polymer 'SODIUM ION'
6 non-polymer 'ZINC ION'
7 water water
#
loop_
_entity_poly.entity_id
_entity_poly.type
_entity_poly.pdbx_seq_one_letter_code
_entity_poly.pdbx_strand_id
1 'polypeptide(L)'
;ASQAWQPGVAMPNLYKMQRMLLEKCDLQNYGENAVIPKGIMMNVAKYTQLCQYLNTLTLAVPYNMRVIHFGAGSDKGVAP
GTAVLRQWLPTGTLLVDSDLNDFVSDADSTLIGDCATVHTANKWDLIISDMYDPRTKHVTKENDSKEGFFTYLCGFIKQK
LALGGSIAVKITEHSWNADLYKLMGHFSWWTAFVTNVNASSSEAFLIGANYLGKPKEQIDGYTMHANYIFWRNTNPIQLS
SYSLFDMSKFPLKLRGTAVMSLKENQINDMIYSLLEKGRLIIRENNRVVVSS
;
A
2 'polypeptide(L)'
;NSTVLSFCAFAVDPAKAYKDYLASGGQPITNCVKMLCTHTGTGQAITVTPEANMDQESFGGASCCLYCRCHIDHPNPKGF
CDLKGKYVQIPTTCANDPVGFTLRNTVCTVCGMWKGYGCSCD
;
B
#
# COMPACT_ATOMS: atom_id res chain seq x y z
N SER A 2 -11.05 -23.81 -0.71
CA SER A 2 -10.38 -23.41 0.53
C SER A 2 -9.26 -22.41 0.26
N GLN A 3 -8.52 -22.60 -0.86
CA GLN A 3 -7.48 -21.67 -1.30
C GLN A 3 -8.13 -20.34 -1.78
N ALA A 4 -9.35 -20.43 -2.34
CA ALA A 4 -10.18 -19.34 -2.82
C ALA A 4 -10.52 -18.36 -1.68
N TRP A 5 -10.66 -18.86 -0.44
CA TRP A 5 -10.94 -18.03 0.73
C TRP A 5 -9.75 -17.22 1.22
N GLN A 6 -8.54 -17.70 0.94
CA GLN A 6 -7.31 -17.05 1.37
C GLN A 6 -7.18 -15.71 0.65
N PRO A 7 -6.40 -14.75 1.19
CA PRO A 7 -6.16 -13.50 0.43
C PRO A 7 -5.24 -13.68 -0.80
N GLY A 8 -4.63 -14.85 -0.89
CA GLY A 8 -3.70 -15.16 -1.97
C GLY A 8 -2.90 -16.41 -1.73
N VAL A 9 -1.90 -16.63 -2.57
CA VAL A 9 -1.11 -17.86 -2.52
C VAL A 9 0.37 -17.57 -2.36
N ALA A 10 1.01 -18.20 -1.37
CA ALA A 10 2.44 -18.03 -1.15
C ALA A 10 3.22 -19.17 -1.85
N MET A 11 4.36 -18.86 -2.45
CA MET A 11 5.20 -19.87 -3.12
C MET A 11 5.57 -21.04 -2.19
N PRO A 12 5.13 -22.28 -2.46
CA PRO A 12 5.45 -23.39 -1.54
C PRO A 12 6.96 -23.66 -1.40
N ASN A 13 7.39 -24.09 -0.21
CA ASN A 13 8.79 -24.37 0.07
C ASN A 13 9.37 -25.40 -0.91
N LEU A 14 8.56 -26.38 -1.38
CA LEU A 14 8.99 -27.34 -2.39
C LEU A 14 9.52 -26.64 -3.65
N TYR A 15 8.87 -25.56 -4.09
CA TYR A 15 9.29 -24.81 -5.26
C TYR A 15 10.51 -23.94 -4.98
N LYS A 16 10.66 -23.43 -3.76
CA LYS A 16 11.83 -22.64 -3.39
C LYS A 16 13.11 -23.50 -3.40
N MET A 17 13.00 -24.77 -3.02
N MET A 17 12.99 -24.77 -3.02
CA MET A 17 14.14 -25.67 -2.95
CA MET A 17 14.11 -25.71 -2.95
C MET A 17 14.62 -26.23 -4.30
C MET A 17 14.65 -26.18 -4.31
N GLN A 18 13.98 -25.85 -5.42
CA GLN A 18 14.40 -26.32 -6.75
C GLN A 18 15.62 -25.56 -7.29
N ARG A 19 16.18 -25.99 -8.44
CA ARG A 19 17.32 -25.29 -9.08
C ARG A 19 16.99 -25.18 -10.57
N MET A 20 15.79 -24.66 -10.85
CA MET A 20 15.22 -24.57 -12.17
C MET A 20 15.97 -23.69 -13.12
N LEU A 21 15.90 -24.03 -14.40
CA LEU A 21 16.46 -23.18 -15.43
C LEU A 21 15.42 -22.08 -15.67
N LEU A 22 15.86 -20.92 -16.13
CA LEU A 22 14.95 -19.81 -16.40
C LEU A 22 14.17 -20.01 -17.70
N GLU A 23 12.84 -20.06 -17.59
CA GLU A 23 11.96 -20.15 -18.78
C GLU A 23 11.06 -18.89 -18.88
N LYS A 24 10.31 -18.78 -19.99
CA LYS A 24 9.34 -17.70 -20.14
C LYS A 24 8.13 -18.05 -19.29
N CYS A 25 7.43 -17.04 -18.81
CA CYS A 25 6.22 -17.25 -18.03
C CYS A 25 5.04 -17.27 -19.00
N ASP A 26 4.12 -18.22 -18.83
CA ASP A 26 2.97 -18.33 -19.73
C ASP A 26 1.73 -17.54 -19.23
N LEU A 27 1.90 -16.61 -18.28
CA LEU A 27 0.83 -15.80 -17.72
C LEU A 27 0.90 -14.37 -18.24
N GLN A 28 -0.27 -13.76 -18.49
CA GLN A 28 -0.38 -12.39 -18.97
C GLN A 28 -0.85 -11.47 -17.82
N ASN A 29 -0.18 -10.32 -17.63
CA ASN A 29 -0.53 -9.37 -16.56
C ASN A 29 -1.85 -8.63 -16.78
N TYR A 30 -1.98 -7.92 -17.91
CA TYR A 30 -3.19 -7.17 -18.24
C TYR A 30 -4.34 -8.11 -18.54
N GLY A 31 -5.50 -7.80 -18.00
CA GLY A 31 -6.69 -8.63 -18.19
C GLY A 31 -7.90 -8.02 -17.54
N GLU A 32 -9.08 -8.21 -18.15
CA GLU A 32 -10.36 -7.71 -17.64
C GLU A 32 -10.63 -8.37 -16.30
N ASN A 33 -10.39 -7.64 -15.19
CA ASN A 33 -10.53 -8.27 -13.88
C ASN A 33 -11.96 -8.43 -13.42
N ALA A 34 -12.48 -9.66 -13.60
CA ALA A 34 -13.82 -10.08 -13.22
C ALA A 34 -14.11 -10.24 -11.70
N VAL A 35 -13.06 -10.21 -10.79
CA VAL A 35 -13.36 -10.43 -9.38
C VAL A 35 -13.35 -9.17 -8.55
N ILE A 36 -12.90 -8.03 -9.08
CA ILE A 36 -12.85 -6.80 -8.29
C ILE A 36 -14.28 -6.24 -8.13
N PRO A 37 -14.74 -6.06 -6.88
CA PRO A 37 -16.09 -5.51 -6.69
C PRO A 37 -16.30 -4.14 -7.33
N LYS A 38 -17.56 -3.79 -7.59
CA LYS A 38 -17.91 -2.54 -8.26
C LYS A 38 -17.48 -1.34 -7.46
N GLY A 39 -16.88 -0.38 -8.13
CA GLY A 39 -16.42 0.85 -7.50
C GLY A 39 -15.08 0.74 -6.79
N ILE A 40 -14.56 -0.49 -6.62
CA ILE A 40 -13.28 -0.72 -5.96
C ILE A 40 -12.15 -0.71 -6.99
N MET A 41 -11.09 0.02 -6.71
CA MET A 41 -9.93 0.04 -7.61
C MET A 41 -9.15 -1.26 -7.44
N MET A 42 -8.44 -1.70 -8.50
CA MET A 42 -7.63 -2.92 -8.46
C MET A 42 -6.59 -2.83 -7.31
N ASN A 43 -5.90 -1.69 -7.17
CA ASN A 43 -4.90 -1.49 -6.14
C ASN A 43 -5.45 -1.50 -4.72
N VAL A 44 -6.71 -1.10 -4.53
CA VAL A 44 -7.32 -1.18 -3.20
C VAL A 44 -7.55 -2.66 -2.90
N ALA A 45 -8.06 -3.44 -3.86
CA ALA A 45 -8.28 -4.87 -3.64
C ALA A 45 -6.96 -5.63 -3.42
N LYS A 46 -5.92 -5.31 -4.21
CA LYS A 46 -4.60 -5.90 -4.17
C LYS A 46 -3.90 -5.64 -2.83
N TYR A 47 -3.79 -4.36 -2.41
CA TYR A 47 -3.19 -3.99 -1.13
C TYR A 47 -4.01 -4.53 0.04
N THR A 48 -5.35 -4.63 -0.11
CA THR A 48 -6.16 -5.21 0.96
C THR A 48 -5.71 -6.63 1.21
N GLN A 49 -5.68 -7.49 0.16
CA GLN A 49 -5.23 -8.87 0.25
C GLN A 49 -3.74 -9.00 0.70
N LEU A 50 -2.88 -8.03 0.34
CA LEU A 50 -1.49 -8.05 0.80
C LEU A 50 -1.47 -7.84 2.34
N CYS A 51 -2.25 -6.86 2.85
CA CYS A 51 -2.31 -6.62 4.29
C CYS A 51 -2.96 -7.78 5.00
N GLN A 52 -4.01 -8.38 4.42
CA GLN A 52 -4.62 -9.58 5.01
C GLN A 52 -3.59 -10.72 5.17
N TYR A 53 -2.68 -10.89 4.18
CA TYR A 53 -1.64 -11.90 4.22
C TYR A 53 -0.59 -11.50 5.24
N LEU A 54 -0.18 -10.21 5.24
CA LEU A 54 0.78 -9.73 6.22
C LEU A 54 0.28 -9.92 7.67
N ASN A 55 -1.05 -9.93 7.89
CA ASN A 55 -1.63 -10.19 9.22
C ASN A 55 -1.34 -11.62 9.73
N THR A 56 -0.95 -12.55 8.84
CA THR A 56 -0.65 -13.92 9.25
C THR A 56 0.83 -14.12 9.65
N LEU A 57 1.68 -13.09 9.43
CA LEU A 57 3.11 -13.15 9.65
C LEU A 57 3.57 -12.58 11.01
N THR A 58 4.83 -12.87 11.38
CA THR A 58 5.39 -12.39 12.65
C THR A 58 5.92 -10.98 12.51
N LEU A 59 5.06 -10.06 12.05
CA LEU A 59 5.47 -8.65 11.89
C LEU A 59 5.68 -8.02 13.25
N ALA A 60 6.77 -7.28 13.41
CA ALA A 60 7.03 -6.51 14.61
C ALA A 60 6.17 -5.23 14.45
N VAL A 61 5.36 -4.91 15.46
CA VAL A 61 4.48 -3.74 15.44
C VAL A 61 4.78 -2.83 16.66
N PRO A 62 5.81 -1.97 16.54
CA PRO A 62 6.14 -1.06 17.65
C PRO A 62 5.03 -0.02 17.92
N TYR A 63 5.10 0.66 19.09
CA TYR A 63 4.14 1.71 19.45
C TYR A 63 4.23 2.88 18.49
N ASN A 64 5.43 3.27 18.08
CA ASN A 64 5.60 4.36 17.13
C ASN A 64 6.21 3.77 15.86
N MET A 65 5.39 3.02 15.12
CA MET A 65 5.84 2.35 13.91
CA MET A 65 5.82 2.34 13.90
C MET A 65 6.18 3.29 12.75
N ARG A 66 7.21 2.93 11.96
CA ARG A 66 7.66 3.69 10.82
C ARG A 66 7.54 2.84 9.55
N VAL A 67 6.76 3.32 8.57
CA VAL A 67 6.49 2.63 7.32
C VAL A 67 6.75 3.55 6.13
N ILE A 68 7.53 3.06 5.16
CA ILE A 68 7.80 3.79 3.93
C ILE A 68 7.25 2.97 2.75
N HIS A 69 6.53 3.67 1.85
CA HIS A 69 5.84 3.09 0.70
C HIS A 69 6.37 3.67 -0.61
N PHE A 70 7.10 2.89 -1.42
CA PHE A 70 7.60 3.38 -2.71
C PHE A 70 6.65 2.98 -3.84
N GLY A 71 6.53 3.86 -4.85
CA GLY A 71 5.65 3.65 -6.00
C GLY A 71 4.19 3.74 -5.61
N ALA A 72 3.88 4.71 -4.75
CA ALA A 72 2.55 4.90 -4.20
C ALA A 72 1.52 5.58 -5.10
N GLY A 73 1.97 6.29 -6.12
CA GLY A 73 1.07 7.03 -6.98
C GLY A 73 0.57 6.27 -8.19
N SER A 74 -0.72 6.45 -8.49
CA SER A 74 -1.34 5.83 -9.66
C SER A 74 -1.31 6.82 -10.87
N ASP A 75 -1.68 6.34 -12.06
CA ASP A 75 -1.78 7.23 -13.25
C ASP A 75 -2.93 8.25 -13.08
N LYS A 76 -3.93 7.92 -12.24
CA LYS A 76 -5.08 8.73 -11.86
C LYS A 76 -4.72 9.87 -10.88
N GLY A 77 -3.49 9.92 -10.39
CA GLY A 77 -3.05 10.96 -9.46
C GLY A 77 -3.47 10.76 -8.03
N VAL A 78 -3.97 9.57 -7.67
CA VAL A 78 -4.37 9.28 -6.30
C VAL A 78 -3.47 8.15 -5.73
N ALA A 79 -3.52 7.92 -4.41
CA ALA A 79 -2.71 6.88 -3.80
C ALA A 79 -3.58 5.84 -3.11
N PRO A 80 -4.14 4.90 -3.88
CA PRO A 80 -5.03 3.90 -3.28
C PRO A 80 -4.33 2.90 -2.35
N GLY A 81 -3.09 2.53 -2.69
CA GLY A 81 -2.30 1.61 -1.88
C GLY A 81 -1.97 2.27 -0.55
N THR A 82 -1.61 3.57 -0.59
CA THR A 82 -1.35 4.31 0.65
C THR A 82 -2.62 4.39 1.49
N ALA A 83 -3.79 4.55 0.86
CA ALA A 83 -5.05 4.62 1.59
C ALA A 83 -5.33 3.31 2.34
N VAL A 84 -5.00 2.17 1.72
CA VAL A 84 -5.17 0.87 2.37
C VAL A 84 -4.16 0.71 3.52
N LEU A 85 -2.91 1.17 3.33
CA LEU A 85 -1.88 1.05 4.37
C LEU A 85 -2.27 1.90 5.58
N ARG A 86 -2.84 3.10 5.34
CA ARG A 86 -3.31 3.96 6.44
C ARG A 86 -4.46 3.30 7.18
N GLN A 87 -5.33 2.57 6.48
CA GLN A 87 -6.46 1.89 7.09
C GLN A 87 -5.99 0.67 7.95
N TRP A 88 -4.98 -0.04 7.47
CA TRP A 88 -4.45 -1.25 8.10
C TRP A 88 -3.55 -0.94 9.30
N LEU A 89 -2.66 0.03 9.18
CA LEU A 89 -1.69 0.34 10.21
C LEU A 89 -2.30 1.00 11.44
N PRO A 90 -1.69 0.79 12.62
CA PRO A 90 -2.21 1.47 13.83
C PRO A 90 -2.28 2.98 13.65
N THR A 91 -3.27 3.65 14.26
CA THR A 91 -3.44 5.09 14.18
C THR A 91 -2.19 5.83 14.66
N GLY A 92 -1.71 6.79 13.90
CA GLY A 92 -0.52 7.54 14.30
C GLY A 92 0.79 6.95 13.87
N THR A 93 0.75 5.83 13.08
CA THR A 93 1.96 5.21 12.53
C THR A 93 2.52 6.20 11.52
N LEU A 94 3.83 6.43 11.53
CA LEU A 94 4.44 7.31 10.55
C LEU A 94 4.39 6.59 9.19
N LEU A 95 3.63 7.12 8.23
CA LEU A 95 3.51 6.52 6.90
C LEU A 95 3.98 7.53 5.89
N VAL A 96 5.09 7.25 5.24
CA VAL A 96 5.66 8.15 4.24
C VAL A 96 5.58 7.47 2.89
N ASP A 97 5.18 8.19 1.82
CA ASP A 97 5.14 7.53 0.52
C ASP A 97 5.89 8.32 -0.54
N SER A 98 6.23 7.64 -1.65
CA SER A 98 7.04 8.22 -2.70
C SER A 98 6.62 7.71 -4.09
N ASP A 99 6.98 8.48 -5.13
CA ASP A 99 6.79 8.22 -6.56
C ASP A 99 7.46 9.29 -7.41
N LEU A 100 7.85 8.95 -8.64
CA LEU A 100 8.52 9.85 -9.57
C LEU A 100 7.62 11.03 -9.95
N ASN A 101 6.32 10.78 -10.09
CA ASN A 101 5.39 11.83 -10.50
C ASN A 101 4.41 12.22 -9.39
N ASP A 102 3.88 13.44 -9.47
CA ASP A 102 2.96 13.99 -8.48
C ASP A 102 1.67 13.21 -8.34
N PHE A 103 1.16 13.12 -7.11
CA PHE A 103 -0.07 12.42 -6.76
C PHE A 103 -0.62 12.93 -5.42
N VAL A 104 -1.91 12.66 -5.13
CA VAL A 104 -2.56 13.06 -3.90
C VAL A 104 -2.55 11.85 -2.96
N SER A 105 -2.14 12.07 -1.71
CA SER A 105 -2.00 10.97 -0.79
C SER A 105 -2.51 11.23 0.63
N ASP A 106 -2.85 10.15 1.32
CA ASP A 106 -3.25 10.23 2.72
C ASP A 106 -2.05 9.95 3.67
N ALA A 107 -0.83 9.84 3.15
CA ALA A 107 0.35 9.61 3.97
C ALA A 107 0.74 10.89 4.71
N ASP A 108 1.45 10.74 5.84
CA ASP A 108 1.93 11.89 6.61
C ASP A 108 2.88 12.74 5.78
N SER A 109 3.72 12.08 4.94
CA SER A 109 4.63 12.79 4.04
C SER A 109 4.61 12.12 2.66
N THR A 110 4.70 12.93 1.60
CA THR A 110 4.71 12.44 0.23
C THR A 110 5.92 13.03 -0.48
N LEU A 111 6.78 12.16 -1.02
CA LEU A 111 8.03 12.56 -1.66
C LEU A 111 7.94 12.38 -3.17
N ILE A 112 8.09 13.49 -3.93
CA ILE A 112 7.98 13.42 -5.39
C ILE A 112 9.37 13.51 -6.04
N GLY A 113 9.61 12.63 -7.00
CA GLY A 113 10.89 12.55 -7.69
C GLY A 113 11.41 11.13 -7.73
N ASP A 114 12.54 10.89 -8.42
CA ASP A 114 13.13 9.55 -8.50
C ASP A 114 13.41 8.99 -7.10
N CYS A 115 13.20 7.68 -6.88
CA CYS A 115 13.44 7.06 -5.57
C CYS A 115 14.87 7.27 -5.07
N ALA A 116 15.86 7.33 -5.98
CA ALA A 116 17.25 7.61 -5.61
C ALA A 116 17.40 8.95 -4.88
N THR A 117 16.52 9.93 -5.19
CA THR A 117 16.52 11.24 -4.52
C THR A 117 15.93 11.19 -3.09
N VAL A 118 15.27 10.08 -2.72
CA VAL A 118 14.70 9.92 -1.38
C VAL A 118 15.80 9.53 -0.40
N HIS A 119 16.07 10.41 0.58
CA HIS A 119 17.11 10.15 1.58
C HIS A 119 16.57 10.41 2.98
N THR A 120 16.95 9.56 3.93
CA THR A 120 16.57 9.68 5.34
C THR A 120 17.71 9.14 6.22
N ALA A 121 17.86 9.69 7.42
CA ALA A 121 18.87 9.18 8.36
C ALA A 121 18.29 8.16 9.36
N ASN A 122 16.96 8.03 9.39
CA ASN A 122 16.22 7.18 10.31
C ASN A 122 15.90 5.82 9.71
N LYS A 123 15.80 4.80 10.56
CA LYS A 123 15.50 3.45 10.11
C LYS A 123 14.00 3.18 10.13
N TRP A 124 13.56 2.24 9.30
CA TRP A 124 12.15 1.94 9.13
C TRP A 124 11.81 0.57 9.64
N ASP A 125 10.55 0.35 9.98
CA ASP A 125 10.10 -0.97 10.47
C ASP A 125 9.44 -1.82 9.38
N LEU A 126 8.99 -1.20 8.30
CA LEU A 126 8.26 -1.91 7.25
C LEU A 126 8.38 -1.13 5.97
N ILE A 127 8.83 -1.78 4.89
CA ILE A 127 8.97 -1.15 3.59
C ILE A 127 8.06 -1.84 2.59
N ILE A 128 7.18 -1.08 1.95
CA ILE A 128 6.28 -1.62 0.93
C ILE A 128 6.69 -0.98 -0.39
N SER A 129 6.77 -1.79 -1.45
CA SER A 129 7.13 -1.26 -2.76
C SER A 129 6.22 -1.81 -3.84
N ASP A 130 5.73 -0.92 -4.67
CA ASP A 130 4.93 -1.28 -5.83
C ASP A 130 5.59 -0.74 -7.11
N MET A 131 6.85 -0.30 -7.06
CA MET A 131 7.56 0.22 -8.23
C MET A 131 7.63 -0.83 -9.34
N TYR A 132 7.53 -0.40 -10.61
CA TYR A 132 7.59 -1.27 -11.79
C TYR A 132 8.31 -0.58 -12.96
N ASP A 133 9.13 -1.31 -13.71
CA ASP A 133 9.87 -0.72 -14.82
C ASP A 133 9.09 -0.79 -16.14
N PRO A 134 8.31 0.26 -16.45
CA PRO A 134 7.51 0.22 -17.67
C PRO A 134 8.19 0.91 -18.85
N ARG A 135 8.92 2.02 -18.59
CA ARG A 135 9.61 2.77 -19.65
C ARG A 135 10.62 1.89 -20.37
N THR A 136 11.44 1.17 -19.61
CA THR A 136 12.40 0.26 -20.20
C THR A 136 11.62 -1.00 -20.59
N LYS A 137 11.04 -1.70 -19.57
CA LYS A 137 10.28 -2.95 -19.68
C LYS A 137 10.95 -3.95 -20.66
N HIS A 138 10.56 -3.95 -21.95
CA HIS A 138 11.11 -4.76 -23.02
C HIS A 138 11.22 -6.22 -22.62
N VAL A 139 10.07 -6.93 -22.56
CA VAL A 139 10.01 -8.34 -22.18
C VAL A 139 10.90 -9.16 -23.09
N THR A 140 10.71 -8.99 -24.42
CA THR A 140 11.47 -9.54 -25.54
C THR A 140 11.88 -11.04 -25.24
N LYS A 141 13.18 -11.43 -25.17
CA LYS A 141 13.58 -12.80 -24.84
C LYS A 141 14.53 -12.81 -23.65
N GLU A 142 15.46 -11.85 -23.62
CA GLU A 142 16.42 -11.74 -22.54
C GLU A 142 15.75 -11.27 -21.27
N ASN A 143 15.75 -12.13 -20.26
CA ASN A 143 15.19 -11.81 -18.97
C ASN A 143 16.31 -11.75 -17.93
N ASP A 144 17.13 -10.71 -18.00
CA ASP A 144 18.22 -10.51 -17.07
C ASP A 144 17.77 -9.76 -15.81
N SER A 145 18.64 -9.68 -14.79
CA SER A 145 18.35 -8.96 -13.56
C SER A 145 18.26 -7.46 -13.90
N LYS A 146 17.21 -6.79 -13.40
CA LYS A 146 17.02 -5.38 -13.70
C LYS A 146 17.61 -4.50 -12.63
N GLU A 147 18.25 -3.40 -13.04
CA GLU A 147 18.85 -2.46 -12.10
C GLU A 147 17.81 -1.35 -11.76
N GLY A 148 18.14 -0.08 -11.95
CA GLY A 148 17.23 1.02 -11.68
C GLY A 148 16.85 1.13 -10.23
N PHE A 149 15.54 1.19 -9.94
CA PHE A 149 15.06 1.29 -8.57
C PHE A 149 15.43 0.11 -7.70
N PHE A 150 15.61 -1.09 -8.28
CA PHE A 150 15.95 -2.29 -7.51
C PHE A 150 17.31 -2.17 -6.82
N THR A 151 18.28 -1.55 -7.49
CA THR A 151 19.60 -1.33 -6.93
C THR A 151 19.52 -0.39 -5.72
N TYR A 152 18.77 0.71 -5.84
CA TYR A 152 18.55 1.64 -4.73
C TYR A 152 17.84 0.93 -3.59
N LEU A 153 16.82 0.13 -3.91
CA LEU A 153 16.01 -0.59 -2.94
C LEU A 153 16.84 -1.55 -2.10
N CYS A 154 17.81 -2.29 -2.73
CA CYS A 154 18.69 -3.18 -1.98
C CYS A 154 19.55 -2.41 -1.01
N GLY A 155 20.08 -1.29 -1.45
CA GLY A 155 20.89 -0.43 -0.59
C GLY A 155 20.07 0.15 0.53
N PHE A 156 18.83 0.57 0.23
CA PHE A 156 17.91 1.13 1.21
C PHE A 156 17.58 0.12 2.29
N ILE A 157 17.30 -1.13 1.93
CA ILE A 157 17.00 -2.17 2.93
C ILE A 157 18.23 -2.45 3.80
N LYS A 158 19.42 -2.54 3.19
CA LYS A 158 20.64 -2.81 3.94
C LYS A 158 21.02 -1.68 4.89
N GLN A 159 20.79 -0.43 4.50
CA GLN A 159 21.16 0.71 5.34
C GLN A 159 20.06 1.26 6.25
N LYS A 160 18.80 1.20 5.82
CA LYS A 160 17.71 1.83 6.56
C LYS A 160 16.62 0.90 7.08
N LEU A 161 16.71 -0.41 6.91
CA LEU A 161 15.66 -1.29 7.47
C LEU A 161 16.14 -1.71 8.87
N ALA A 162 15.30 -1.54 9.91
CA ALA A 162 15.69 -1.94 11.25
C ALA A 162 15.71 -3.47 11.36
N LEU A 163 16.54 -4.01 12.26
CA LEU A 163 16.55 -5.45 12.52
C LEU A 163 15.21 -5.79 13.16
N GLY A 164 14.62 -6.89 12.72
CA GLY A 164 13.26 -7.23 13.13
C GLY A 164 12.23 -6.71 12.13
N GLY A 165 12.60 -5.73 11.31
CA GLY A 165 11.73 -5.12 10.31
C GLY A 165 11.34 -6.06 9.17
N SER A 166 10.37 -5.65 8.34
CA SER A 166 9.91 -6.47 7.24
C SER A 166 9.72 -5.71 5.94
N ILE A 167 9.66 -6.44 4.82
CA ILE A 167 9.46 -5.86 3.50
C ILE A 167 8.46 -6.63 2.66
N ALA A 168 7.86 -5.96 1.65
CA ALA A 168 6.94 -6.52 0.65
C ALA A 168 7.25 -5.71 -0.56
N VAL A 169 7.91 -6.33 -1.54
CA VAL A 169 8.39 -5.68 -2.76
C VAL A 169 7.82 -6.34 -3.99
N LYS A 170 7.12 -5.56 -4.81
CA LYS A 170 6.47 -6.11 -6.00
C LYS A 170 7.47 -6.51 -7.08
N ILE A 171 7.27 -7.70 -7.63
CA ILE A 171 8.07 -8.18 -8.77
C ILE A 171 7.10 -8.77 -9.81
N THR A 172 7.56 -8.94 -11.04
CA THR A 172 6.84 -9.60 -12.14
C THR A 172 7.88 -10.54 -12.87
N GLU A 173 7.47 -11.21 -13.98
CA GLU A 173 8.36 -12.02 -14.78
C GLU A 173 9.57 -11.21 -15.25
N HIS A 174 9.35 -9.98 -15.70
CA HIS A 174 10.42 -9.13 -16.21
C HIS A 174 10.94 -8.06 -15.25
N SER A 175 10.13 -7.65 -14.25
CA SER A 175 10.58 -6.67 -13.26
C SER A 175 11.03 -7.41 -11.99
N TRP A 176 12.33 -7.65 -11.89
CA TRP A 176 12.96 -8.38 -10.80
C TRP A 176 14.45 -8.04 -10.72
N ASN A 177 15.09 -8.49 -9.65
CA ASN A 177 16.50 -8.23 -9.40
C ASN A 177 17.09 -9.39 -8.59
N ALA A 178 18.26 -9.88 -9.00
CA ALA A 178 18.97 -11.00 -8.39
C ALA A 178 19.42 -10.68 -6.97
N ASP A 179 19.93 -9.48 -6.74
CA ASP A 179 20.38 -9.06 -5.41
C ASP A 179 19.25 -8.93 -4.41
N LEU A 180 18.02 -8.64 -4.89
CA LEU A 180 16.85 -8.56 -4.03
C LEU A 180 16.51 -9.94 -3.53
N TYR A 181 16.49 -10.95 -4.43
CA TYR A 181 16.24 -12.32 -4.02
C TYR A 181 17.32 -12.81 -3.03
N LYS A 182 18.58 -12.43 -3.26
CA LYS A 182 19.69 -12.83 -2.40
C LYS A 182 19.46 -12.26 -0.98
N LEU A 183 19.08 -10.96 -0.92
CA LEU A 183 18.79 -10.26 0.32
C LEU A 183 17.63 -10.92 1.08
N MET A 184 16.71 -11.62 0.38
CA MET A 184 15.63 -12.35 1.06
C MET A 184 16.17 -13.40 2.06
N GLY A 185 17.36 -13.92 1.78
CA GLY A 185 18.04 -14.89 2.63
C GLY A 185 18.61 -14.28 3.90
N HIS A 186 18.61 -12.93 4.02
CA HIS A 186 19.05 -12.22 5.23
C HIS A 186 17.88 -11.92 6.19
N PHE A 187 16.72 -12.55 5.96
CA PHE A 187 15.53 -12.42 6.77
C PHE A 187 15.27 -13.76 7.48
N SER A 188 14.51 -13.72 8.56
CA SER A 188 14.14 -14.94 9.28
C SER A 188 13.39 -15.92 8.35
N TRP A 189 12.53 -15.35 7.48
CA TRP A 189 11.73 -16.10 6.51
C TRP A 189 11.37 -15.20 5.33
N TRP A 190 11.04 -15.80 4.18
CA TRP A 190 10.63 -15.05 3.02
C TRP A 190 9.66 -15.87 2.17
N THR A 191 8.92 -15.22 1.31
CA THR A 191 8.06 -15.88 0.33
C THR A 191 7.80 -14.96 -0.88
N ALA A 192 7.20 -15.52 -1.95
CA ALA A 192 6.71 -14.78 -3.11
C ALA A 192 5.22 -14.96 -2.93
N PHE A 193 4.50 -13.88 -2.68
CA PHE A 193 3.06 -13.94 -2.43
C PHE A 193 2.26 -13.37 -3.62
N VAL A 194 1.29 -14.14 -4.13
CA VAL A 194 0.44 -13.73 -5.25
C VAL A 194 -0.95 -13.44 -4.68
N THR A 195 -1.48 -12.22 -4.85
CA THR A 195 -2.85 -11.87 -4.40
C THR A 195 -3.88 -12.64 -5.22
N ASN A 196 -4.94 -13.11 -4.56
CA ASN A 196 -5.98 -13.86 -5.26
C ASN A 196 -6.72 -12.99 -6.31
N VAL A 197 -6.83 -11.66 -6.11
CA VAL A 197 -7.50 -10.77 -7.06
C VAL A 197 -6.69 -10.55 -8.34
N ASN A 198 -5.36 -10.69 -8.28
CA ASN A 198 -4.51 -10.49 -9.46
C ASN A 198 -3.75 -11.77 -9.86
N ALA A 199 -4.33 -12.92 -9.58
CA ALA A 199 -3.73 -14.23 -9.74
C ALA A 199 -3.32 -14.61 -11.17
N SER A 200 -3.92 -13.98 -12.20
CA SER A 200 -3.60 -14.24 -13.62
C SER A 200 -2.31 -13.54 -14.07
N SER A 201 -1.82 -12.58 -13.29
CA SER A 201 -0.59 -11.84 -13.62
C SER A 201 0.65 -12.56 -13.08
N SER A 202 1.84 -12.33 -13.69
CA SER A 202 3.11 -12.88 -13.15
C SER A 202 3.60 -12.10 -11.89
N GLU A 203 2.86 -11.06 -11.51
CA GLU A 203 3.19 -10.23 -10.37
C GLU A 203 3.13 -11.04 -9.08
N ALA A 204 4.02 -10.73 -8.19
CA ALA A 204 4.02 -11.29 -6.82
C ALA A 204 4.70 -10.29 -5.92
N PHE A 205 4.48 -10.39 -4.61
CA PHE A 205 5.18 -9.56 -3.67
C PHE A 205 6.25 -10.42 -2.99
N LEU A 206 7.52 -10.03 -3.09
CA LEU A 206 8.59 -10.72 -2.38
C LEU A 206 8.54 -10.19 -0.97
N ILE A 207 8.13 -11.02 -0.03
CA ILE A 207 7.97 -10.61 1.35
C ILE A 207 9.08 -11.17 2.20
N GLY A 208 9.80 -10.30 2.90
CA GLY A 208 10.87 -10.70 3.81
C GLY A 208 10.41 -10.38 5.23
N ALA A 209 10.26 -11.41 6.07
CA ALA A 209 9.84 -11.28 7.46
C ALA A 209 11.01 -11.28 8.45
N ASN A 210 11.12 -10.20 9.27
CA ASN A 210 12.09 -10.09 10.38
C ASN A 210 13.52 -10.08 9.90
N TYR A 211 13.99 -8.91 9.53
CA TYR A 211 15.31 -8.71 8.98
C TYR A 211 16.40 -9.00 10.01
N LEU A 212 17.40 -9.80 9.61
CA LEU A 212 18.46 -10.17 10.54
C LEU A 212 19.79 -9.46 10.26
N GLY A 213 19.91 -8.71 9.17
CA GLY A 213 21.15 -8.00 8.86
C GLY A 213 22.38 -8.85 8.54
N LYS A 214 22.15 -10.14 8.26
CA LYS A 214 23.21 -11.10 7.91
C LYS A 214 22.56 -12.29 7.21
N PRO A 215 23.30 -13.00 6.35
CA PRO A 215 22.69 -14.14 5.67
C PRO A 215 22.33 -15.24 6.63
N LYS A 216 21.16 -15.79 6.45
CA LYS A 216 20.65 -16.94 7.15
C LYS A 216 20.70 -18.15 6.13
N GLU A 217 20.47 -17.88 4.82
CA GLU A 217 20.54 -18.86 3.74
C GLU A 217 21.24 -18.23 2.55
N GLN A 218 21.83 -19.06 1.69
CA GLN A 218 22.50 -18.55 0.50
C GLN A 218 21.57 -18.67 -0.67
N ILE A 219 21.00 -17.55 -1.12
CA ILE A 219 20.09 -17.58 -2.26
C ILE A 219 20.75 -17.00 -3.49
N ASP A 220 20.63 -17.71 -4.62
CA ASP A 220 21.11 -17.22 -5.89
C ASP A 220 19.86 -16.62 -6.56
N GLY A 221 19.89 -15.31 -6.83
CA GLY A 221 18.75 -14.60 -7.38
C GLY A 221 18.26 -15.04 -8.73
N TYR A 222 19.19 -15.35 -9.66
CA TYR A 222 18.83 -15.85 -10.99
C TYR A 222 18.06 -17.15 -10.88
N THR A 223 18.55 -18.04 -10.03
CA THR A 223 17.94 -19.34 -9.79
C THR A 223 16.60 -19.24 -9.10
N MET A 224 16.49 -18.39 -8.05
CA MET A 224 15.24 -18.28 -7.33
C MET A 224 14.13 -17.66 -8.21
N HIS A 225 14.49 -16.72 -9.11
CA HIS A 225 13.49 -16.18 -10.04
C HIS A 225 13.01 -17.29 -10.99
N ALA A 226 13.92 -18.17 -11.46
CA ALA A 226 13.54 -19.29 -12.31
C ALA A 226 12.62 -20.24 -11.55
N ASN A 227 12.87 -20.43 -10.24
CA ASN A 227 12.01 -21.27 -9.39
C ASN A 227 10.61 -20.67 -9.29
N TYR A 228 10.56 -19.33 -9.14
CA TYR A 228 9.31 -18.56 -9.01
C TYR A 228 8.52 -18.71 -10.32
N ILE A 229 9.18 -18.54 -11.47
CA ILE A 229 8.51 -18.69 -12.77
C ILE A 229 7.97 -20.09 -12.96
N PHE A 230 8.74 -21.11 -12.52
CA PHE A 230 8.35 -22.51 -12.68
C PHE A 230 7.10 -22.81 -11.90
N TRP A 231 7.02 -22.29 -10.66
CA TRP A 231 5.85 -22.48 -9.82
C TRP A 231 4.62 -21.84 -10.48
N ARG A 232 4.77 -20.62 -10.99
CA ARG A 232 3.66 -19.91 -11.64
C ARG A 232 3.18 -20.62 -12.90
N ASN A 233 4.11 -21.13 -13.72
CA ASN A 233 3.77 -21.84 -14.95
C ASN A 233 3.05 -23.16 -14.69
N THR A 234 3.42 -23.86 -13.63
CA THR A 234 2.86 -25.18 -13.33
C THR A 234 1.70 -25.16 -12.34
N ASN A 235 1.44 -24.02 -11.69
CA ASN A 235 0.36 -23.92 -10.72
C ASN A 235 -0.57 -22.75 -11.00
N PRO A 236 -1.55 -22.95 -11.92
CA PRO A 236 -2.49 -21.88 -12.21
C PRO A 236 -3.34 -21.53 -10.99
N ILE A 237 -3.58 -20.24 -10.75
CA ILE A 237 -4.38 -19.82 -9.61
C ILE A 237 -5.67 -19.15 -10.11
N GLN A 238 -6.84 -19.66 -9.69
CA GLN A 238 -8.11 -19.05 -10.09
C GLN A 238 -8.33 -17.73 -9.36
N LEU A 239 -8.67 -16.66 -10.11
CA LEU A 239 -8.97 -15.33 -9.56
C LEU A 239 -10.02 -15.45 -8.44
N SER A 240 -9.81 -14.72 -7.33
CA SER A 240 -10.74 -14.78 -6.20
C SER A 240 -10.72 -13.51 -5.37
N SER A 241 -11.90 -13.04 -4.99
CA SER A 241 -12.01 -11.90 -4.10
C SER A 241 -12.79 -12.28 -2.85
N TYR A 242 -12.87 -13.57 -2.48
CA TYR A 242 -13.62 -14.01 -1.29
C TYR A 242 -13.21 -13.28 -0.03
N SER A 243 -11.88 -13.11 0.18
CA SER A 243 -11.34 -12.49 1.40
C SER A 243 -11.74 -11.02 1.56
N LEU A 244 -12.09 -10.34 0.46
CA LEU A 244 -12.51 -8.94 0.53
C LEU A 244 -13.89 -8.75 1.16
N PHE A 245 -14.69 -9.83 1.29
CA PHE A 245 -16.04 -9.75 1.82
C PHE A 245 -16.14 -9.89 3.35
N ASP A 246 -14.99 -9.85 4.05
CA ASP A 246 -14.95 -9.89 5.50
C ASP A 246 -13.77 -9.09 5.96
N MET A 247 -14.03 -7.84 6.36
CA MET A 247 -12.99 -6.93 6.84
C MET A 247 -13.01 -6.76 8.36
N SER A 248 -13.72 -7.62 9.11
CA SER A 248 -13.83 -7.46 10.57
C SER A 248 -12.53 -7.58 11.34
N LYS A 249 -11.55 -8.32 10.81
CA LYS A 249 -10.27 -8.45 11.52
C LYS A 249 -9.10 -7.87 10.76
N PHE A 250 -9.37 -6.91 9.87
CA PHE A 250 -8.38 -6.32 8.99
C PHE A 250 -7.24 -5.53 9.65
N PRO A 251 -7.50 -4.64 10.62
CA PRO A 251 -6.41 -3.83 11.16
C PRO A 251 -5.25 -4.63 11.72
N LEU A 252 -4.02 -4.12 11.51
CA LEU A 252 -2.82 -4.80 11.99
C LEU A 252 -2.84 -4.82 13.54
N LYS A 253 -2.70 -6.00 14.15
CA LYS A 253 -2.73 -6.10 15.61
C LYS A 253 -1.67 -5.27 16.30
N LEU A 254 -2.11 -4.53 17.31
CA LEU A 254 -1.25 -3.65 18.08
C LEU A 254 -0.45 -4.56 19.00
N ARG A 255 0.83 -4.78 18.68
CA ARG A 255 1.64 -5.68 19.48
C ARG A 255 2.48 -4.95 20.54
N GLY A 256 2.80 -3.67 20.31
CA GLY A 256 3.61 -2.90 21.23
C GLY A 256 5.01 -3.47 21.33
N THR A 257 5.55 -3.92 20.19
CA THR A 257 6.86 -4.53 20.03
C THR A 257 7.97 -3.64 20.53
N ALA A 258 8.83 -4.18 21.42
CA ALA A 258 9.96 -3.44 21.96
C ALA A 258 10.87 -2.90 20.90
N VAL A 259 11.35 -1.67 21.09
CA VAL A 259 12.32 -1.06 20.20
C VAL A 259 13.55 -0.77 21.06
N MET A 260 14.73 -1.31 20.70
CA MET A 260 15.95 -1.06 21.46
C MET A 260 17.08 -0.68 20.54
N SER A 261 17.96 0.19 21.00
CA SER A 261 19.14 0.55 20.23
C SER A 261 20.29 -0.28 20.79
N LEU A 262 20.60 -1.42 20.17
CA LEU A 262 21.68 -2.29 20.66
C LEU A 262 22.93 -2.23 19.81
N LYS A 263 24.09 -2.38 20.44
CA LYS A 263 25.36 -2.43 19.71
C LYS A 263 25.52 -3.84 19.11
N GLU A 264 26.41 -3.98 18.10
CA GLU A 264 26.67 -5.29 17.47
C GLU A 264 27.06 -6.36 18.49
N ASN A 265 27.92 -6.00 19.45
CA ASN A 265 28.39 -6.89 20.52
C ASN A 265 27.27 -7.35 21.47
N GLN A 266 26.15 -6.60 21.52
CA GLN A 266 25.00 -6.96 22.34
C GLN A 266 24.01 -7.86 21.59
N ILE A 267 24.06 -7.88 20.24
CA ILE A 267 23.16 -8.69 19.43
C ILE A 267 23.64 -10.12 19.42
N ASN A 268 23.14 -10.91 20.36
CA ASN A 268 23.54 -12.31 20.54
C ASN A 268 22.42 -13.29 20.15
N ASP A 269 22.65 -14.60 20.35
CA ASP A 269 21.68 -15.64 20.01
C ASP A 269 20.29 -15.42 20.57
N MET A 270 20.18 -15.00 21.84
CA MET A 270 18.86 -14.78 22.43
C MET A 270 18.16 -13.57 21.74
N ILE A 271 18.92 -12.55 21.33
CA ILE A 271 18.41 -11.38 20.64
C ILE A 271 17.96 -11.76 19.22
N TYR A 272 18.77 -12.61 18.52
CA TYR A 272 18.38 -13.11 17.20
C TYR A 272 17.11 -13.90 17.28
N SER A 273 16.94 -14.70 18.33
CA SER A 273 15.73 -15.47 18.51
C SER A 273 14.50 -14.57 18.70
N LEU A 274 14.66 -13.42 19.38
CA LEU A 274 13.55 -12.49 19.56
C LEU A 274 13.24 -11.81 18.24
N LEU A 275 14.28 -11.43 17.46
CA LEU A 275 14.09 -10.82 16.15
C LEU A 275 13.30 -11.74 15.22
N GLU A 276 13.66 -13.04 15.20
CA GLU A 276 13.00 -14.03 14.35
C GLU A 276 11.56 -14.28 14.70
N LYS A 277 11.17 -14.05 15.97
CA LYS A 277 9.77 -14.21 16.36
C LYS A 277 8.96 -12.90 16.21
N GLY A 278 9.58 -11.84 15.66
CA GLY A 278 8.94 -10.54 15.53
C GLY A 278 8.68 -9.87 16.86
N ARG A 279 9.47 -10.23 17.89
CA ARG A 279 9.33 -9.70 19.25
C ARG A 279 10.27 -8.52 19.54
N LEU A 280 11.03 -8.04 18.55
CA LEU A 280 11.97 -6.97 18.78
C LEU A 280 12.29 -6.22 17.51
N ILE A 281 12.55 -4.90 17.64
CA ILE A 281 12.98 -4.02 16.57
C ILE A 281 14.26 -3.35 17.09
N ILE A 282 15.32 -3.34 16.27
CA ILE A 282 16.56 -2.69 16.67
C ILE A 282 16.82 -1.47 15.80
N ARG A 283 16.79 -0.28 16.44
CA ARG A 283 17.04 1.02 15.82
C ARG A 283 16.95 2.13 16.89
N GLU A 284 17.37 3.34 16.54
CA GLU A 284 17.22 4.50 17.42
C GLU A 284 15.76 4.97 17.41
N ASN A 285 15.38 5.80 18.40
CA ASN A 285 14.03 6.35 18.46
C ASN A 285 14.06 7.88 18.27
N ASN A 286 14.96 8.38 17.41
CA ASN A 286 15.11 9.81 17.13
C ASN A 286 14.00 10.38 16.24
N ARG A 287 13.94 11.72 16.12
CA ARG A 287 12.96 12.43 15.30
C ARG A 287 13.19 12.09 13.81
N VAL A 288 12.12 11.75 13.08
CA VAL A 288 12.26 11.36 11.68
C VAL A 288 12.25 12.54 10.70
N VAL A 289 13.27 12.62 9.83
CA VAL A 289 13.40 13.64 8.80
C VAL A 289 13.54 12.93 7.45
N VAL A 290 12.57 13.09 6.54
CA VAL A 290 12.64 12.42 5.24
C VAL A 290 12.69 13.45 4.12
N SER B 2 -12.90 15.22 -17.77
CA SER B 2 -11.53 14.98 -18.25
C SER B 2 -10.65 16.20 -17.95
N THR B 3 -11.19 17.38 -18.20
CA THR B 3 -10.50 18.61 -17.88
C THR B 3 -11.16 19.34 -16.68
N VAL B 4 -12.05 18.66 -15.92
CA VAL B 4 -12.75 19.21 -14.77
C VAL B 4 -11.77 19.73 -13.71
N LEU B 5 -10.62 19.04 -13.52
CA LEU B 5 -9.63 19.48 -12.54
C LEU B 5 -8.96 20.77 -12.94
N SER B 6 -8.59 20.91 -14.21
CA SER B 6 -7.99 22.15 -14.70
C SER B 6 -9.04 23.26 -14.71
N PHE B 7 -10.29 22.94 -15.06
CA PHE B 7 -11.41 23.88 -15.13
C PHE B 7 -11.57 24.56 -13.76
N CYS B 8 -11.61 23.77 -12.67
CA CYS B 8 -11.76 24.31 -11.33
C CYS B 8 -10.51 24.99 -10.81
N ALA B 9 -9.33 24.41 -11.10
CA ALA B 9 -8.03 24.95 -10.65
C ALA B 9 -7.76 26.32 -11.22
N PHE B 10 -8.25 26.59 -12.43
CA PHE B 10 -8.02 27.91 -13.04
C PHE B 10 -9.26 28.81 -12.92
N ALA B 11 -10.05 28.63 -11.85
CA ALA B 11 -11.21 29.48 -11.59
C ALA B 11 -10.98 30.30 -10.32
N VAL B 12 -11.51 31.54 -10.28
CA VAL B 12 -11.40 32.41 -9.11
C VAL B 12 -12.06 31.73 -7.89
N ASP B 13 -13.20 31.07 -8.12
CA ASP B 13 -13.94 30.34 -7.10
C ASP B 13 -14.06 28.88 -7.57
N PRO B 14 -13.09 28.03 -7.18
CA PRO B 14 -13.11 26.63 -7.62
C PRO B 14 -14.36 25.84 -7.28
N ALA B 15 -14.94 26.08 -6.09
CA ALA B 15 -16.16 25.38 -5.69
C ALA B 15 -17.34 25.76 -6.57
N LYS B 16 -17.44 27.05 -6.93
CA LYS B 16 -18.50 27.52 -7.81
C LYS B 16 -18.28 26.95 -9.20
N ALA B 17 -17.02 26.91 -9.68
CA ALA B 17 -16.70 26.31 -10.97
C ALA B 17 -17.13 24.85 -11.05
N TYR B 18 -16.91 24.08 -9.98
CA TYR B 18 -17.34 22.68 -9.96
C TYR B 18 -18.86 22.58 -10.06
N LYS B 19 -19.57 23.45 -9.34
CA LYS B 19 -21.03 23.48 -9.36
C LYS B 19 -21.55 23.82 -10.78
N ASP B 20 -20.97 24.84 -11.41
CA ASP B 20 -21.35 25.25 -12.77
C ASP B 20 -21.04 24.16 -13.79
N TYR B 21 -19.91 23.47 -13.60
CA TYR B 21 -19.49 22.37 -14.45
C TYR B 21 -20.51 21.23 -14.36
N LEU B 22 -20.98 20.92 -13.15
CA LEU B 22 -21.98 19.86 -12.96
C LEU B 22 -23.33 20.29 -13.53
N ALA B 23 -23.71 21.55 -13.33
CA ALA B 23 -24.97 22.07 -13.87
C ALA B 23 -24.98 22.03 -15.39
N SER B 24 -23.82 22.17 -16.04
CA SER B 24 -23.75 22.09 -17.49
C SER B 24 -23.75 20.66 -18.06
N GLY B 25 -23.86 19.66 -17.19
CA GLY B 25 -23.88 18.26 -17.62
C GLY B 25 -22.57 17.50 -17.51
N GLY B 26 -21.56 18.13 -16.92
CA GLY B 26 -20.25 17.50 -16.78
C GLY B 26 -20.25 16.33 -15.81
N GLN B 27 -19.40 15.33 -16.07
CA GLN B 27 -19.31 14.16 -15.20
C GLN B 27 -18.56 14.51 -13.92
N PRO B 28 -19.04 14.02 -12.76
CA PRO B 28 -18.34 14.30 -11.50
C PRO B 28 -16.88 13.81 -11.49
N ILE B 29 -16.02 14.40 -10.63
CA ILE B 29 -14.62 13.97 -10.48
C ILE B 29 -14.58 12.50 -10.09
N THR B 30 -13.84 11.69 -10.86
CA THR B 30 -13.74 10.24 -10.65
C THR B 30 -12.45 9.90 -9.85
N ASN B 31 -12.19 8.60 -9.61
CA ASN B 31 -11.01 8.09 -8.92
C ASN B 31 -10.93 8.48 -7.47
N CYS B 32 -12.11 8.61 -6.82
CA CYS B 32 -12.20 8.82 -5.40
C CYS B 32 -11.98 7.40 -4.86
N VAL B 33 -11.08 7.27 -3.89
CA VAL B 33 -10.67 5.96 -3.41
C VAL B 33 -11.65 5.36 -2.46
N LYS B 34 -12.45 4.42 -2.94
CA LYS B 34 -13.41 3.74 -2.08
C LYS B 34 -12.67 2.61 -1.35
N MET B 35 -12.95 2.46 -0.07
CA MET B 35 -12.30 1.45 0.75
C MET B 35 -13.19 0.26 0.97
N LEU B 36 -12.60 -0.90 1.24
CA LEU B 36 -13.35 -2.07 1.64
C LEU B 36 -13.51 -1.93 3.16
N CYS B 37 -14.70 -2.20 3.66
CA CYS B 37 -14.99 -2.04 5.08
C CYS B 37 -16.16 -2.90 5.54
N THR B 38 -16.39 -2.99 6.85
CA THR B 38 -17.46 -3.82 7.40
C THR B 38 -18.86 -3.24 7.22
N HIS B 39 -18.95 -1.91 7.13
CA HIS B 39 -20.26 -1.22 7.09
C HIS B 39 -21.00 -1.34 8.44
N THR B 40 -20.25 -1.47 9.53
CA THR B 40 -20.76 -1.51 10.90
C THR B 40 -20.09 -0.39 11.76
N GLY B 41 -19.62 0.67 11.13
CA GLY B 41 -18.95 1.77 11.80
C GLY B 41 -19.89 2.76 12.45
N THR B 42 -19.32 3.77 13.11
CA THR B 42 -20.06 4.80 13.83
C THR B 42 -20.99 5.66 12.94
N GLY B 43 -20.65 5.78 11.67
CA GLY B 43 -21.44 6.57 10.74
C GLY B 43 -21.03 8.03 10.68
N GLN B 44 -20.05 8.44 11.49
CA GLN B 44 -19.58 9.82 11.52
C GLN B 44 -19.00 10.27 10.18
N ALA B 45 -19.05 11.58 9.91
CA ALA B 45 -18.62 12.16 8.64
C ALA B 45 -17.11 12.00 8.34
N ILE B 46 -16.20 12.49 9.19
CA ILE B 46 -14.75 12.41 8.93
C ILE B 46 -14.06 11.70 10.09
N THR B 47 -13.48 10.52 9.82
CA THR B 47 -12.90 9.67 10.85
C THR B 47 -11.45 9.23 10.60
N VAL B 48 -10.77 8.76 11.67
CA VAL B 48 -9.37 8.33 11.61
C VAL B 48 -9.19 7.05 10.74
N THR B 49 -10.19 6.16 10.73
CA THR B 49 -10.23 4.93 9.96
C THR B 49 -11.64 4.79 9.34
N PRO B 50 -11.87 3.92 8.33
CA PRO B 50 -13.22 3.79 7.78
C PRO B 50 -14.29 3.52 8.85
N GLU B 51 -15.36 4.33 8.85
CA GLU B 51 -16.43 4.21 9.84
C GLU B 51 -17.81 4.22 9.19
N ALA B 52 -17.91 3.67 7.97
CA ALA B 52 -19.17 3.66 7.25
C ALA B 52 -20.19 2.78 7.92
N ASN B 53 -21.46 3.21 7.92
CA ASN B 53 -22.55 2.39 8.42
C ASN B 53 -23.22 1.67 7.21
N MET B 54 -24.36 1.00 7.38
CA MET B 54 -25.01 0.29 6.28
C MET B 54 -25.47 1.17 5.12
N ASP B 55 -25.61 2.48 5.35
CA ASP B 55 -26.09 3.44 4.36
C ASP B 55 -24.98 4.30 3.74
N GLN B 56 -23.71 4.04 4.09
CA GLN B 56 -22.60 4.85 3.59
C GLN B 56 -21.50 4.03 2.92
N GLU B 57 -20.58 4.74 2.26
CA GLU B 57 -19.35 4.24 1.69
C GLU B 57 -18.22 5.04 2.34
N SER B 58 -17.05 4.41 2.52
CA SER B 58 -15.89 5.09 3.11
C SER B 58 -14.90 5.34 2.02
N PHE B 59 -14.35 6.53 1.98
CA PHE B 59 -13.38 6.89 0.99
C PHE B 59 -12.16 7.50 1.65
N GLY B 60 -11.02 7.44 0.96
CA GLY B 60 -9.81 8.11 1.40
C GLY B 60 -10.05 9.59 1.22
N GLY B 61 -9.82 10.33 2.30
CA GLY B 61 -10.11 11.75 2.43
C GLY B 61 -9.54 12.68 1.38
N ALA B 62 -8.22 12.62 1.16
CA ALA B 62 -7.60 13.51 0.16
C ALA B 62 -8.15 13.31 -1.25
N SER B 63 -8.57 12.07 -1.61
CA SER B 63 -9.11 11.83 -2.96
C SER B 63 -10.50 12.49 -3.19
N CYS B 64 -11.21 12.82 -2.09
CA CYS B 64 -12.52 13.49 -2.09
C CYS B 64 -12.44 14.98 -1.82
N CYS B 65 -11.26 15.58 -1.88
CA CYS B 65 -11.10 16.98 -1.60
C CYS B 65 -10.80 17.68 -2.90
N LEU B 66 -11.61 18.70 -3.25
CA LEU B 66 -11.45 19.44 -4.50
C LEU B 66 -10.09 20.13 -4.56
N TYR B 67 -9.65 20.68 -3.44
CA TYR B 67 -8.39 21.46 -3.36
C TYR B 67 -7.14 20.55 -3.44
N CYS B 68 -7.20 19.36 -2.82
CA CYS B 68 -6.14 18.36 -2.89
C CYS B 68 -6.08 17.86 -4.34
N ARG B 69 -7.23 17.44 -4.90
CA ARG B 69 -7.31 16.94 -6.26
C ARG B 69 -6.88 17.96 -7.33
N CYS B 70 -7.22 19.25 -7.15
CA CYS B 70 -6.82 20.29 -8.11
C CYS B 70 -5.42 20.85 -7.87
N HIS B 71 -4.77 20.46 -6.74
CA HIS B 71 -3.43 20.92 -6.37
C HIS B 71 -3.41 22.44 -6.20
N ILE B 72 -4.45 22.98 -5.57
CA ILE B 72 -4.61 24.40 -5.32
C ILE B 72 -4.74 24.68 -3.81
N ASP B 73 -4.65 25.94 -3.39
CA ASP B 73 -4.78 26.34 -1.99
C ASP B 73 -6.12 25.95 -1.43
N HIS B 74 -6.15 25.54 -0.16
CA HIS B 74 -7.38 25.21 0.56
C HIS B 74 -7.96 26.54 1.12
N PRO B 75 -9.30 26.67 1.29
CA PRO B 75 -9.84 27.95 1.81
C PRO B 75 -9.55 28.25 3.28
N ASN B 76 -8.84 27.35 3.97
CA ASN B 76 -8.50 27.49 5.38
C ASN B 76 -7.41 28.56 5.58
N PRO B 77 -7.39 29.27 6.73
CA PRO B 77 -6.40 30.34 6.91
C PRO B 77 -4.97 29.81 6.95
N LYS B 78 -4.74 28.70 7.66
CA LYS B 78 -3.40 28.11 7.75
C LYS B 78 -3.04 27.25 6.51
N GLY B 79 -4.03 26.84 5.74
CA GLY B 79 -3.80 26.01 4.56
C GLY B 79 -3.98 24.53 4.78
N PHE B 80 -4.37 24.12 6.00
CA PHE B 80 -4.60 22.72 6.37
C PHE B 80 -5.81 22.12 5.63
N CYS B 81 -6.01 20.79 5.77
CA CYS B 81 -7.13 20.13 5.12
C CYS B 81 -7.81 19.23 6.13
N ASP B 82 -9.13 19.32 6.20
CA ASP B 82 -9.91 18.48 7.11
C ASP B 82 -10.09 17.04 6.63
N LEU B 83 -9.81 16.76 5.34
CA LEU B 83 -10.04 15.42 4.78
C LEU B 83 -8.76 14.60 4.63
N LYS B 84 -7.67 15.21 4.18
CA LYS B 84 -6.38 14.55 3.93
C LYS B 84 -5.84 13.81 5.16
N GLY B 85 -5.48 12.54 4.98
CA GLY B 85 -5.00 11.72 6.08
C GLY B 85 -6.11 11.06 6.89
N LYS B 86 -7.37 11.31 6.52
CA LYS B 86 -8.53 10.74 7.21
C LYS B 86 -9.44 10.04 6.20
N TYR B 87 -10.58 9.50 6.66
CA TYR B 87 -11.56 8.85 5.81
C TYR B 87 -12.88 9.61 5.89
N VAL B 88 -13.56 9.78 4.76
CA VAL B 88 -14.84 10.49 4.75
C VAL B 88 -15.94 9.51 4.41
N GLN B 89 -17.00 9.51 5.20
CA GLN B 89 -18.15 8.65 4.96
C GLN B 89 -19.16 9.41 4.11
N ILE B 90 -19.62 8.79 3.04
CA ILE B 90 -20.55 9.43 2.13
C ILE B 90 -21.75 8.53 1.91
N PRO B 91 -22.98 9.08 2.02
CA PRO B 91 -24.18 8.25 1.79
C PRO B 91 -24.13 7.54 0.44
N THR B 92 -24.51 6.26 0.39
CA THR B 92 -24.42 5.45 -0.83
C THR B 92 -25.16 6.10 -2.02
N THR B 93 -26.27 6.78 -1.76
CA THR B 93 -27.04 7.50 -2.78
C THR B 93 -26.24 8.70 -3.38
N CYS B 94 -25.22 9.17 -2.68
CA CYS B 94 -24.38 10.28 -3.11
C CYS B 94 -22.94 9.87 -3.46
N ALA B 95 -22.62 8.55 -3.39
CA ALA B 95 -21.27 8.03 -3.65
C ALA B 95 -20.77 8.22 -5.08
N ASN B 96 -21.67 8.56 -6.01
CA ASN B 96 -21.27 8.86 -7.39
C ASN B 96 -20.48 10.20 -7.46
N ASP B 97 -20.67 11.09 -6.47
CA ASP B 97 -19.96 12.36 -6.46
C ASP B 97 -19.42 12.72 -5.06
N PRO B 98 -18.40 12.00 -4.56
CA PRO B 98 -17.86 12.31 -3.24
C PRO B 98 -17.31 13.73 -3.09
N VAL B 99 -16.61 14.25 -4.11
CA VAL B 99 -16.03 15.59 -4.04
C VAL B 99 -17.13 16.65 -3.91
N GLY B 100 -18.18 16.51 -4.70
CA GLY B 100 -19.32 17.42 -4.69
C GLY B 100 -20.05 17.34 -3.37
N PHE B 101 -20.22 16.11 -2.82
CA PHE B 101 -20.85 15.93 -1.51
C PHE B 101 -20.13 16.71 -0.42
N THR B 102 -18.79 16.62 -0.35
CA THR B 102 -18.03 17.33 0.68
C THR B 102 -18.10 18.85 0.49
N LEU B 103 -18.16 19.32 -0.75
CA LEU B 103 -18.26 20.75 -1.04
C LEU B 103 -19.66 21.27 -0.63
N ARG B 104 -20.71 20.54 -0.96
CA ARG B 104 -22.09 20.93 -0.69
C ARG B 104 -22.59 20.67 0.71
N ASN B 105 -21.84 19.93 1.56
CA ASN B 105 -22.36 19.57 2.87
C ASN B 105 -21.49 20.03 4.04
N THR B 106 -22.07 19.99 5.26
CA THR B 106 -21.42 20.47 6.47
C THR B 106 -21.52 19.43 7.59
N VAL B 107 -20.47 19.31 8.40
CA VAL B 107 -20.44 18.35 9.50
C VAL B 107 -21.01 19.00 10.77
N CYS B 108 -21.95 18.33 11.46
CA CYS B 108 -22.51 18.81 12.71
C CYS B 108 -21.41 18.84 13.76
N THR B 109 -21.23 19.99 14.40
CA THR B 109 -20.18 20.17 15.38
C THR B 109 -20.44 19.45 16.71
N VAL B 110 -21.64 18.90 16.93
CA VAL B 110 -21.92 18.22 18.20
C VAL B 110 -21.96 16.68 18.04
N CYS B 111 -22.66 16.15 17.01
CA CYS B 111 -22.72 14.70 16.83
C CYS B 111 -21.66 14.13 15.85
N GLY B 112 -21.05 14.99 15.05
CA GLY B 112 -20.03 14.57 14.09
C GLY B 112 -20.56 13.94 12.81
N MET B 113 -21.89 13.97 12.60
CA MET B 113 -22.49 13.41 11.41
C MET B 113 -22.84 14.50 10.38
N TRP B 114 -23.12 14.13 9.11
CA TRP B 114 -23.46 15.12 8.08
C TRP B 114 -24.85 15.72 8.32
N LYS B 115 -24.95 17.06 8.32
CA LYS B 115 -26.24 17.74 8.51
C LYS B 115 -27.17 17.41 7.35
N GLY B 116 -28.37 16.96 7.67
CA GLY B 116 -29.36 16.59 6.67
C GLY B 116 -29.28 15.16 6.16
N TYR B 117 -28.32 14.37 6.69
CA TYR B 117 -28.16 12.99 6.25
C TYR B 117 -28.16 12.00 7.41
N GLY B 118 -27.25 12.19 8.36
CA GLY B 118 -27.16 11.32 9.52
C GLY B 118 -27.42 12.03 10.84
N CYS B 119 -27.18 13.35 10.87
CA CYS B 119 -27.37 14.16 12.06
C CYS B 119 -28.81 14.12 12.56
N SER B 120 -29.01 13.55 13.75
CA SER B 120 -30.32 13.43 14.38
C SER B 120 -30.68 14.66 15.24
N CYS B 121 -29.67 15.45 15.67
CA CYS B 121 -29.85 16.64 16.50
C CYS B 121 -30.87 17.62 15.94
#